data_4DF8
#
_entry.id   4DF8
#
_cell.length_a   108.609
_cell.length_b   108.609
_cell.length_c   90.516
_cell.angle_alpha   90.00
_cell.angle_beta   90.00
_cell.angle_gamma   120.00
#
_symmetry.space_group_name_H-M   'P 31 2 1'
#
loop_
_entity.id
_entity.type
_entity.pdbx_description
1 polymer 'DNA polymerase I, thermostable'
2 polymer "DNA (5'-D(*GP*AP*CP*CP*AP*CP*GP*GP*CP*GP*CP*(DOC))-3')"
3 polymer "DNA (5'-D(*AP*AP*AP*TP*GP*GP*CP*GP*CP*CP*GP*TP*GP*GP*TP*C)-3')"
4 non-polymer 5-(5-aminopent-1-yn-1-yl)-7-{2-deoxy-5-O-[(S)-hydroxy{[(S)-hydroxy(phosphonooxy)phosphoryl]oxy}phosphoryl]-beta-D-erythro-pentofuranosyl}-7H-pyrrolo[2,3-d]pyrimidin-4-amine
5 non-polymer 'MAGNESIUM ION'
6 non-polymer 1,2-ETHANEDIOL
7 non-polymer 'FORMIC ACID'
8 non-polymer 'CHLORIDE ION'
9 water water
#
loop_
_entity_poly.entity_id
_entity_poly.type
_entity_poly.pdbx_seq_one_letter_code
_entity_poly.pdbx_strand_id
1 'polypeptide(L)'
;ALEEAPWPPPEGAFVGFVLSRKEPMWADLLALAAARGGRVHRAPEPYKALRDLKEARGLLAKDLSVLALREGLGLPPGDD
PMLLAYLLDPSNTTPEGVARRYGGEWTEEAGERAALSERLFANLWGRLEGEERLLWLYREVERPLSAVLAHMEATGVRLD
VAYLRALSLEVAEEIARLEAEVFRLAGHPFNLNSRDQLERVLFDELGLPAIGKTEKTGKRSTSAAVLEALREAHPIVEKI
LQYRELTKLKSTYIDPLPDLIHPRTGRLHTRFNQTATATGRLSSSDPNLQNIPVRTPLGQRIRRAFIAEEGWLLVALDYS
QIELRVLAHLSGDENLIRVFQEGRDIHTETASWMFGVPREAVDPLMRRAAKTINFGVLYGMSAHRLSQELAIPYEEAQAF
IERYFQSFPKVRAWIEKTLEEGRRRGYVETLFGRRRYVPDLEARVKSVREAAERMAFNMPVQGTAADLMKLAMVKLFPRL
EEMGARMLLQVHDELVLEAPKERAEAVARLAKEVMEGVYPLAVPLEVEVGIGEDWLSAKE
;
A
2 'polydeoxyribonucleotide' (DG)(DA)(DC)(DC)(DA)(DC)(DG)(DG)(DC)(DG)(DC)(DOC) B
3 'polydeoxyribonucleotide' (DA)(DA)(DA)(DT)(DG)(DG)(DC)(DG)(DC)(DC)(DG)(DT)(DG)(DG)(DT)(DC) C
#
loop_
_chem_comp.id
_chem_comp.type
_chem_comp.name
_chem_comp.formula
0L4 non-polymer 5-(5-aminopent-1-yn-1-yl)-7-{2-deoxy-5-O-[(S)-hydroxy{[(S)-hydroxy(phosphonooxy)phosphoryl]oxy}phosphoryl]-beta-D-erythro-pentofuranosyl}-7H-pyrrolo[2,3-d]pyrimidin-4-amine 'C16 H24 N5 O12 P3'
CL non-polymer 'CHLORIDE ION' 'Cl -1'
DA DNA linking 2'-DEOXYADENOSINE-5'-MONOPHOSPHATE 'C10 H14 N5 O6 P'
DC DNA linking 2'-DEOXYCYTIDINE-5'-MONOPHOSPHATE 'C9 H14 N3 O7 P'
DG DNA linking 2'-DEOXYGUANOSINE-5'-MONOPHOSPHATE 'C10 H14 N5 O7 P'
DOC DNA linking 2',3'-DIDEOXYCYTIDINE-5'-MONOPHOSPHATE 'C9 H14 N3 O6 P'
DT DNA linking THYMIDINE-5'-MONOPHOSPHATE 'C10 H15 N2 O8 P'
EDO non-polymer 1,2-ETHANEDIOL 'C2 H6 O2'
FMT non-polymer 'FORMIC ACID' 'C H2 O2'
MG non-polymer 'MAGNESIUM ION' 'Mg 2'
#
# COMPACT_ATOMS: atom_id res chain seq x y z
N LEU A 2 -31.62 23.41 2.33
CA LEU A 2 -32.61 22.37 2.49
C LEU A 2 -33.49 22.62 3.71
N GLU A 3 -34.76 22.25 3.59
CA GLU A 3 -35.71 22.31 4.69
C GLU A 3 -35.30 21.40 5.86
N GLU A 4 -35.15 21.99 7.04
CA GLU A 4 -34.82 21.21 8.23
C GLU A 4 -36.01 20.34 8.63
N ALA A 5 -35.72 19.13 9.07
CA ALA A 5 -36.77 18.19 9.46
C ALA A 5 -36.28 17.32 10.62
N PRO A 6 -37.21 16.75 11.41
CA PRO A 6 -36.81 15.95 12.57
C PRO A 6 -36.05 14.67 12.18
N TRP A 7 -35.09 14.29 13.01
CA TRP A 7 -34.48 12.97 12.92
C TRP A 7 -35.59 11.98 13.29
N PRO A 8 -35.59 10.78 12.69
CA PRO A 8 -34.62 10.24 11.74
C PRO A 8 -34.99 10.49 10.27
N PRO A 9 -34.02 10.33 9.36
CA PRO A 9 -34.27 10.51 7.92
C PRO A 9 -34.95 9.28 7.34
N PRO A 10 -35.50 9.39 6.13
CA PRO A 10 -36.05 8.18 5.52
C PRO A 10 -34.93 7.32 4.95
N GLU A 11 -35.24 6.08 4.59
CA GLU A 11 -34.28 5.18 3.99
C GLU A 11 -33.69 5.76 2.71
N GLY A 12 -32.42 5.51 2.46
CA GLY A 12 -31.76 5.96 1.25
C GLY A 12 -31.13 7.33 1.38
N ALA A 13 -31.28 7.95 2.55
CA ALA A 13 -30.73 9.29 2.77
C ALA A 13 -29.21 9.26 2.81
N PHE A 14 -28.58 10.38 2.45
CA PHE A 14 -27.14 10.50 2.51
C PHE A 14 -26.71 11.11 3.83
N VAL A 15 -25.64 10.59 4.42
CA VAL A 15 -25.19 11.06 5.73
C VAL A 15 -24.02 12.02 5.66
N GLY A 16 -23.99 12.93 6.64
CA GLY A 16 -22.85 13.79 6.88
C GLY A 16 -22.48 13.62 8.34
N PHE A 17 -21.20 13.77 8.67
CA PHE A 17 -20.76 13.53 10.04
C PHE A 17 -19.44 14.24 10.33
N VAL A 18 -19.21 14.57 11.59
CA VAL A 18 -17.97 15.22 12.01
C VAL A 18 -17.31 14.43 13.12
N LEU A 19 -16.03 14.13 12.94
CA LEU A 19 -15.26 13.38 13.92
C LEU A 19 -14.27 14.32 14.60
N SER A 20 -13.96 14.03 15.87
CA SER A 20 -12.98 14.82 16.62
C SER A 20 -11.58 14.67 16.04
N ARG A 21 -11.33 13.55 15.38
CA ARG A 21 -10.05 13.30 14.72
C ARG A 21 -10.26 12.38 13.52
N LYS A 22 -9.27 12.33 12.64
CA LYS A 22 -9.44 11.66 11.36
C LYS A 22 -9.61 10.13 11.46
N GLU A 23 -9.02 9.53 12.49
CA GLU A 23 -9.01 8.08 12.62
C GLU A 23 -10.30 7.58 13.27
N PRO A 24 -11.14 6.86 12.52
CA PRO A 24 -12.48 6.47 13.00
C PRO A 24 -12.48 5.59 14.25
N MET A 25 -11.46 4.75 14.43
CA MET A 25 -11.38 3.92 15.62
C MET A 25 -11.08 4.73 16.88
N TRP A 26 -10.52 5.93 16.69
CA TRP A 26 -10.12 6.76 17.82
C TRP A 26 -10.98 8.01 17.98
N ALA A 27 -11.88 8.25 17.04
CA ALA A 27 -12.62 9.50 16.99
C ALA A 27 -13.87 9.54 17.86
N ASP A 28 -14.19 10.74 18.34
CA ASP A 28 -15.49 11.03 18.93
C ASP A 28 -16.43 11.49 17.83
N LEU A 29 -17.61 10.90 17.76
CA LEU A 29 -18.63 11.35 16.81
C LEU A 29 -19.29 12.60 17.34
N LEU A 30 -18.89 13.75 16.79
CA LEU A 30 -19.35 15.04 17.32
C LEU A 30 -20.71 15.43 16.78
N ALA A 31 -21.00 15.03 15.55
CA ALA A 31 -22.29 15.33 14.95
C ALA A 31 -22.63 14.39 13.80
N LEU A 32 -23.91 14.28 13.50
CA LEU A 32 -24.41 13.35 12.50
C LEU A 32 -25.66 13.95 11.90
N ALA A 33 -25.74 13.93 10.57
CA ALA A 33 -26.92 14.43 9.88
C ALA A 33 -27.20 13.61 8.63
N ALA A 34 -28.37 13.79 8.05
CA ALA A 34 -28.72 13.09 6.82
C ALA A 34 -29.59 13.97 5.92
N ALA A 35 -29.46 13.75 4.61
CA ALA A 35 -30.16 14.56 3.63
C ALA A 35 -30.84 13.68 2.59
N ARG A 36 -32.09 14.04 2.27
CA ARG A 36 -32.83 13.39 1.20
C ARG A 36 -34.09 14.20 0.87
N GLY A 37 -34.43 14.26 -0.41
CA GLY A 37 -35.68 14.84 -0.86
C GLY A 37 -35.88 16.28 -0.40
N GLY A 38 -34.83 17.08 -0.52
CA GLY A 38 -34.90 18.49 -0.19
C GLY A 38 -35.03 18.74 1.30
N ARG A 39 -34.66 17.76 2.09
CA ARG A 39 -34.67 17.90 3.55
C ARG A 39 -33.34 17.52 4.16
N VAL A 40 -33.00 18.17 5.27
CA VAL A 40 -31.82 17.82 6.05
C VAL A 40 -32.26 17.48 7.48
N HIS A 41 -31.81 16.33 7.98
CA HIS A 41 -32.16 15.88 9.32
C HIS A 41 -30.92 15.87 10.19
N ARG A 42 -30.94 16.65 11.27
CA ARG A 42 -29.81 16.72 12.19
C ARG A 42 -30.09 15.94 13.48
N ALA A 43 -29.18 15.05 13.83
CA ALA A 43 -29.35 14.19 15.00
C ALA A 43 -28.94 14.87 16.29
N PRO A 44 -29.87 14.96 17.26
CA PRO A 44 -29.57 15.59 18.55
C PRO A 44 -28.55 14.81 19.34
N GLU A 45 -28.58 13.48 19.22
CA GLU A 45 -27.63 12.61 19.89
C GLU A 45 -27.01 11.67 18.87
N PRO A 46 -25.82 12.03 18.37
CA PRO A 46 -25.18 11.35 17.24
C PRO A 46 -25.00 9.85 17.43
N TYR A 47 -24.40 9.45 18.56
CA TYR A 47 -24.15 8.03 18.82
C TYR A 47 -25.41 7.18 18.76
N LYS A 48 -26.44 7.58 19.52
CA LYS A 48 -27.71 6.84 19.54
C LYS A 48 -28.37 6.85 18.17
N ALA A 49 -28.25 7.97 17.47
CA ALA A 49 -28.85 8.15 16.15
C ALA A 49 -28.34 7.17 15.11
N LEU A 50 -27.12 6.67 15.31
CA LEU A 50 -26.50 5.71 14.39
C LEU A 50 -27.42 4.50 14.20
N ARG A 51 -28.05 4.07 15.29
CA ARG A 51 -28.95 2.92 15.29
CA ARG A 51 -28.93 2.90 15.25
C ARG A 51 -30.10 3.06 14.29
N ASP A 52 -30.41 4.30 13.91
CA ASP A 52 -31.52 4.55 13.00
C ASP A 52 -31.15 4.36 11.53
N LEU A 53 -29.86 4.29 11.25
CA LEU A 53 -29.41 4.19 9.86
C LEU A 53 -29.33 2.73 9.43
N LYS A 54 -29.73 2.47 8.19
CA LYS A 54 -29.62 1.14 7.61
C LYS A 54 -28.27 0.94 6.93
N GLU A 55 -27.65 2.04 6.52
CA GLU A 55 -26.32 2.00 5.93
C GLU A 55 -25.71 3.39 5.95
N ALA A 56 -24.39 3.46 5.80
CA ALA A 56 -23.72 4.74 5.69
C ALA A 56 -23.50 5.08 4.23
N ARG A 57 -24.30 6.03 3.73
CA ARG A 57 -24.28 6.41 2.33
C ARG A 57 -23.82 7.86 2.23
N GLY A 58 -22.64 8.08 1.66
CA GLY A 58 -22.12 9.43 1.55
C GLY A 58 -20.61 9.51 1.56
N LEU A 59 -20.09 10.73 1.61
CA LEU A 59 -18.65 10.95 1.60
C LEU A 59 -17.99 10.27 2.79
N LEU A 60 -16.88 9.57 2.53
CA LEU A 60 -16.13 8.85 3.56
C LEU A 60 -17.01 7.87 4.34
N ALA A 61 -17.96 7.25 3.65
CA ALA A 61 -18.86 6.26 4.24
C ALA A 61 -18.16 5.24 5.14
N LYS A 62 -17.03 4.71 4.68
CA LYS A 62 -16.30 3.69 5.43
C LYS A 62 -15.92 4.16 6.84
N ASP A 63 -15.51 5.42 6.96
CA ASP A 63 -15.11 5.95 8.26
C ASP A 63 -16.26 5.87 9.28
N LEU A 64 -17.45 6.26 8.86
CA LEU A 64 -18.61 6.21 9.76
C LEU A 64 -18.94 4.75 10.09
N SER A 65 -18.81 3.88 9.10
CA SER A 65 -19.08 2.46 9.28
C SER A 65 -18.13 1.85 10.30
N VAL A 66 -16.84 2.17 10.19
CA VAL A 66 -15.83 1.67 11.12
C VAL A 66 -16.14 2.12 12.54
N LEU A 67 -16.59 3.36 12.68
CA LEU A 67 -16.93 3.89 14.00
C LEU A 67 -18.17 3.16 14.55
N ALA A 68 -19.12 2.88 13.66
CA ALA A 68 -20.32 2.14 14.05
C ALA A 68 -19.97 0.72 14.51
N LEU A 69 -19.14 0.05 13.74
CA LEU A 69 -18.67 -1.30 14.07
C LEU A 69 -17.93 -1.29 15.41
N ARG A 70 -17.16 -0.23 15.64
CA ARG A 70 -16.44 -0.06 16.90
C ARG A 70 -17.42 -0.05 18.08
N GLU A 71 -18.60 0.53 17.84
CA GLU A 71 -19.61 0.66 18.89
C GLU A 71 -20.57 -0.54 18.92
N GLY A 72 -20.25 -1.58 18.14
CA GLY A 72 -21.04 -2.79 18.15
C GLY A 72 -22.24 -2.77 17.21
N LEU A 73 -22.27 -1.82 16.29
CA LEU A 73 -23.38 -1.68 15.35
C LEU A 73 -22.98 -2.15 13.95
N GLY A 74 -23.75 -3.06 13.38
CA GLY A 74 -23.47 -3.57 12.05
C GLY A 74 -23.96 -2.63 10.96
N LEU A 75 -23.34 -1.47 10.87
CA LEU A 75 -23.74 -0.46 9.91
C LEU A 75 -22.78 -0.49 8.72
N PRO A 76 -23.24 -1.00 7.57
CA PRO A 76 -22.33 -1.10 6.42
C PRO A 76 -22.23 0.21 5.63
N PRO A 77 -21.09 0.44 4.97
CA PRO A 77 -20.97 1.59 4.07
C PRO A 77 -21.61 1.30 2.72
N GLY A 78 -22.24 2.31 2.13
CA GLY A 78 -22.88 2.16 0.84
C GLY A 78 -22.23 3.11 -0.15
N ASP A 79 -23.05 3.76 -0.97
CA ASP A 79 -22.53 4.71 -1.96
C ASP A 79 -21.64 5.75 -1.30
N ASP A 80 -20.53 6.08 -1.97
CA ASP A 80 -19.63 7.12 -1.51
C ASP A 80 -19.13 7.86 -2.75
N PRO A 81 -19.47 9.16 -2.87
CA PRO A 81 -19.03 9.94 -4.02
C PRO A 81 -17.51 9.93 -4.23
N MET A 82 -16.74 9.75 -3.15
CA MET A 82 -15.28 9.70 -3.26
C MET A 82 -14.85 8.58 -4.19
N LEU A 83 -15.52 7.42 -4.06
CA LEU A 83 -15.21 6.27 -4.89
C LEU A 83 -15.56 6.51 -6.35
N LEU A 84 -16.68 7.18 -6.60
CA LEU A 84 -17.06 7.55 -7.96
C LEU A 84 -16.00 8.47 -8.58
N ALA A 85 -15.60 9.49 -7.82
CA ALA A 85 -14.66 10.49 -8.32
C ALA A 85 -13.29 9.87 -8.56
N TYR A 86 -12.89 8.99 -7.65
CA TYR A 86 -11.60 8.30 -7.73
C TYR A 86 -11.50 7.45 -8.98
N LEU A 87 -12.59 6.77 -9.33
CA LEU A 87 -12.63 5.97 -10.55
C LEU A 87 -12.55 6.84 -11.80
N LEU A 88 -13.23 7.98 -11.78
CA LEU A 88 -13.17 8.93 -12.90
C LEU A 88 -11.75 9.45 -13.12
N ASP A 89 -11.05 9.67 -12.01
CA ASP A 89 -9.73 10.29 -12.04
C ASP A 89 -9.10 10.09 -10.67
N PRO A 90 -8.06 9.24 -10.59
CA PRO A 90 -7.51 8.89 -9.28
C PRO A 90 -6.73 10.01 -8.60
N SER A 91 -6.61 11.18 -9.24
CA SER A 91 -6.07 12.33 -8.51
C SER A 91 -7.15 12.95 -7.62
N ASN A 92 -8.37 12.45 -7.74
CA ASN A 92 -9.45 12.79 -6.81
C ASN A 92 -9.27 11.98 -5.54
N THR A 93 -8.55 12.53 -4.56
CA THR A 93 -8.20 11.79 -3.37
C THR A 93 -8.75 12.38 -2.06
N THR A 94 -9.17 13.62 -2.10
CA THR A 94 -9.67 14.29 -0.89
C THR A 94 -11.09 14.80 -1.11
N PRO A 95 -11.90 14.82 -0.04
CA PRO A 95 -13.23 15.42 -0.12
C PRO A 95 -13.16 16.92 -0.45
N GLU A 96 -12.11 17.59 0.01
CA GLU A 96 -11.91 19.01 -0.30
C GLU A 96 -11.87 19.22 -1.81
N GLY A 97 -11.02 18.46 -2.48
CA GLY A 97 -10.83 18.59 -3.92
C GLY A 97 -12.07 18.14 -4.69
N VAL A 98 -12.64 17.02 -4.28
CA VAL A 98 -13.78 16.45 -4.98
C VAL A 98 -14.99 17.38 -4.90
N ALA A 99 -15.23 17.95 -3.71
CA ALA A 99 -16.32 18.90 -3.53
C ALA A 99 -16.18 20.07 -4.50
N ARG A 100 -15.01 20.70 -4.47
CA ARG A 100 -14.73 21.87 -5.30
C ARG A 100 -14.96 21.53 -6.76
N ARG A 101 -14.50 20.35 -7.17
CA ARG A 101 -14.52 19.96 -8.57
C ARG A 101 -15.90 19.53 -9.06
N TYR A 102 -16.70 18.91 -8.19
CA TYR A 102 -17.94 18.30 -8.66
C TYR A 102 -19.23 18.90 -8.08
N GLY A 103 -19.11 19.98 -7.31
CA GLY A 103 -20.27 20.81 -7.04
C GLY A 103 -20.57 21.12 -5.57
N GLY A 104 -19.61 21.70 -4.87
CA GLY A 104 -19.85 22.15 -3.51
C GLY A 104 -18.59 22.51 -2.76
N GLU A 105 -18.69 22.50 -1.43
CA GLU A 105 -17.55 22.83 -0.58
C GLU A 105 -17.56 21.98 0.68
N TRP A 106 -16.40 21.39 1.00
CA TRP A 106 -16.26 20.58 2.20
C TRP A 106 -16.10 21.47 3.43
N THR A 107 -17.14 21.49 4.26
CA THR A 107 -17.16 22.33 5.46
C THR A 107 -17.05 21.46 6.71
N GLU A 108 -17.25 22.08 7.88
CA GLU A 108 -17.11 21.37 9.14
C GLU A 108 -18.46 21.16 9.83
N GLU A 109 -19.54 21.23 9.05
CA GLU A 109 -20.88 21.06 9.60
C GLU A 109 -21.51 19.81 8.98
N ALA A 110 -22.02 18.92 9.84
CA ALA A 110 -22.54 17.62 9.41
C ALA A 110 -23.68 17.75 8.40
N GLY A 111 -24.61 18.67 8.66
CA GLY A 111 -25.74 18.86 7.78
C GLY A 111 -25.31 19.27 6.38
N GLU A 112 -24.34 20.17 6.32
CA GLU A 112 -23.79 20.64 5.05
C GLU A 112 -23.04 19.53 4.33
N ARG A 113 -22.36 18.68 5.09
CA ARG A 113 -21.69 17.50 4.55
C ARG A 113 -22.68 16.48 3.99
N ALA A 114 -23.80 16.31 4.68
CA ALA A 114 -24.85 15.42 4.21
C ALA A 114 -25.41 15.93 2.88
N ALA A 115 -25.72 17.22 2.86
CA ALA A 115 -26.26 17.85 1.65
C ALA A 115 -25.26 17.80 0.51
N LEU A 116 -23.99 18.06 0.83
CA LEU A 116 -22.91 17.97 -0.15
C LEU A 116 -22.83 16.56 -0.72
N SER A 117 -22.88 15.56 0.16
CA SER A 117 -22.83 14.15 -0.26
C SER A 117 -23.92 13.86 -1.28
N GLU A 118 -25.13 14.33 -0.99
CA GLU A 118 -26.28 14.09 -1.84
C GLU A 118 -26.04 14.59 -3.26
N ARG A 119 -25.63 15.86 -3.39
CA ARG A 119 -25.54 16.47 -4.71
C ARG A 119 -24.31 16.01 -5.48
N LEU A 120 -23.22 15.74 -4.76
CA LEU A 120 -22.04 15.18 -5.40
C LEU A 120 -22.35 13.81 -5.99
N PHE A 121 -23.08 12.98 -5.24
CA PHE A 121 -23.43 11.66 -5.76
C PHE A 121 -24.22 11.79 -7.05
N ALA A 122 -25.23 12.65 -7.04
CA ALA A 122 -26.05 12.89 -8.21
C ALA A 122 -25.17 13.25 -9.41
N ASN A 123 -24.34 14.26 -9.23
CA ASN A 123 -23.48 14.74 -10.31
C ASN A 123 -22.53 13.65 -10.80
N LEU A 124 -21.82 13.02 -9.87
CA LEU A 124 -20.80 12.04 -10.21
C LEU A 124 -21.40 10.79 -10.86
N TRP A 125 -22.56 10.37 -10.35
CA TRP A 125 -23.31 9.26 -10.94
C TRP A 125 -23.58 9.56 -12.41
N GLY A 126 -23.98 10.81 -12.68
CA GLY A 126 -24.23 11.25 -14.03
C GLY A 126 -23.00 11.12 -14.89
N ARG A 127 -21.84 11.42 -14.32
CA ARG A 127 -20.59 11.37 -15.06
C ARG A 127 -20.18 9.94 -15.39
N LEU A 128 -20.68 8.99 -14.61
CA LEU A 128 -20.38 7.59 -14.85
C LEU A 128 -21.33 6.93 -15.84
N GLU A 129 -22.33 7.66 -16.30
CA GLU A 129 -23.21 7.14 -17.32
C GLU A 129 -22.47 7.00 -18.64
N GLY A 130 -22.60 5.83 -19.27
CA GLY A 130 -21.87 5.53 -20.49
C GLY A 130 -20.51 4.90 -20.22
N GLU A 131 -19.96 5.17 -19.03
CA GLU A 131 -18.68 4.59 -18.64
C GLU A 131 -18.88 3.21 -18.01
N GLU A 132 -19.22 2.24 -18.85
CA GLU A 132 -19.64 0.92 -18.38
C GLU A 132 -18.58 0.16 -17.59
N ARG A 133 -17.33 0.32 -17.96
CA ARG A 133 -16.25 -0.39 -17.28
C ARG A 133 -15.98 0.20 -15.91
N LEU A 134 -16.01 1.52 -15.81
CA LEU A 134 -15.87 2.20 -14.53
C LEU A 134 -17.05 1.88 -13.63
N LEU A 135 -18.24 1.82 -14.20
CA LEU A 135 -19.44 1.43 -13.47
C LEU A 135 -19.29 0.03 -12.90
N TRP A 136 -18.73 -0.87 -13.70
CA TRP A 136 -18.51 -2.25 -13.29
C TRP A 136 -17.57 -2.29 -12.08
N LEU A 137 -16.48 -1.53 -12.16
CA LEU A 137 -15.52 -1.47 -11.07
C LEU A 137 -16.16 -0.93 -9.79
N TYR A 138 -17.03 0.06 -9.93
CA TYR A 138 -17.69 0.63 -8.77
C TYR A 138 -18.60 -0.39 -8.09
N ARG A 139 -19.50 -0.98 -8.87
CA ARG A 139 -20.52 -1.89 -8.34
C ARG A 139 -19.95 -3.24 -7.90
N GLU A 140 -18.98 -3.74 -8.65
CA GLU A 140 -18.46 -5.08 -8.43
C GLU A 140 -17.19 -5.10 -7.58
N VAL A 141 -16.51 -3.98 -7.48
CA VAL A 141 -15.24 -3.94 -6.75
C VAL A 141 -15.21 -2.91 -5.63
N GLU A 142 -15.17 -1.63 -5.98
CA GLU A 142 -14.92 -0.59 -4.97
C GLU A 142 -16.01 -0.49 -3.90
N ARG A 143 -17.28 -0.42 -4.29
CA ARG A 143 -18.35 -0.28 -3.31
C ARG A 143 -18.40 -1.47 -2.34
N PRO A 144 -18.41 -2.72 -2.85
CA PRO A 144 -18.38 -3.85 -1.91
C PRO A 144 -17.10 -3.86 -1.07
N LEU A 145 -15.97 -3.50 -1.68
CA LEU A 145 -14.69 -3.56 -0.97
C LEU A 145 -14.68 -2.65 0.25
N SER A 146 -15.38 -1.52 0.16
CA SER A 146 -15.39 -0.56 1.26
C SER A 146 -15.99 -1.20 2.52
N ALA A 147 -16.95 -2.09 2.33
CA ALA A 147 -17.52 -2.84 3.44
C ALA A 147 -16.47 -3.78 4.03
N VAL A 148 -15.76 -4.50 3.16
CA VAL A 148 -14.72 -5.41 3.58
C VAL A 148 -13.65 -4.67 4.38
N LEU A 149 -13.19 -3.55 3.86
CA LEU A 149 -12.18 -2.74 4.52
C LEU A 149 -12.64 -2.22 5.87
N ALA A 150 -13.91 -1.83 5.94
CA ALA A 150 -14.49 -1.35 7.20
C ALA A 150 -14.36 -2.40 8.29
N HIS A 151 -14.66 -3.65 7.94
CA HIS A 151 -14.57 -4.75 8.88
C HIS A 151 -13.13 -5.02 9.28
N MET A 152 -12.23 -4.92 8.30
CA MET A 152 -10.80 -5.11 8.56
C MET A 152 -10.27 -4.04 9.50
N GLU A 153 -10.62 -2.79 9.25
CA GLU A 153 -10.17 -1.70 10.10
C GLU A 153 -10.67 -1.86 11.53
N ALA A 154 -11.93 -2.25 11.68
CA ALA A 154 -12.54 -2.36 13.00
C ALA A 154 -12.06 -3.59 13.77
N THR A 155 -11.49 -4.55 13.04
CA THR A 155 -11.05 -5.80 13.65
C THR A 155 -9.67 -5.64 14.29
N GLY A 156 -8.73 -5.07 13.54
CA GLY A 156 -7.38 -4.86 14.04
C GLY A 156 -6.55 -6.12 14.10
N VAL A 157 -5.31 -5.98 14.55
CA VAL A 157 -4.40 -7.12 14.67
C VAL A 157 -3.72 -7.08 16.03
N ARG A 158 -3.43 -8.25 16.59
CA ARG A 158 -2.81 -8.35 17.91
C ARG A 158 -1.31 -8.07 17.83
N LEU A 159 -0.78 -7.43 18.86
CA LEU A 159 0.64 -7.08 18.89
C LEU A 159 1.20 -7.47 20.25
N ASP A 160 2.38 -8.08 20.25
CA ASP A 160 3.05 -8.46 21.49
C ASP A 160 3.77 -7.24 22.06
N VAL A 161 3.04 -6.44 22.84
CA VAL A 161 3.53 -5.19 23.37
C VAL A 161 4.71 -5.37 24.32
N ALA A 162 4.58 -6.29 25.28
CA ALA A 162 5.64 -6.55 26.25
C ALA A 162 6.97 -6.85 25.57
N TYR A 163 6.91 -7.69 24.54
CA TYR A 163 8.07 -8.06 23.75
C TYR A 163 8.73 -6.83 23.13
N LEU A 164 7.93 -5.98 22.50
CA LEU A 164 8.45 -4.75 21.90
C LEU A 164 9.05 -3.80 22.93
N ARG A 165 8.42 -3.68 24.10
CA ARG A 165 8.97 -2.84 25.15
C ARG A 165 10.38 -3.31 25.53
N ALA A 166 10.52 -4.61 25.72
CA ALA A 166 11.80 -5.23 26.07
C ALA A 166 12.81 -4.98 24.95
N LEU A 167 12.36 -5.13 23.71
CA LEU A 167 13.23 -4.98 22.55
C LEU A 167 13.79 -3.55 22.46
N SER A 168 12.93 -2.57 22.72
CA SER A 168 13.32 -1.17 22.75
C SER A 168 14.56 -0.92 23.61
N LEU A 169 14.56 -1.51 24.81
CA LEU A 169 15.65 -1.33 25.74
C LEU A 169 16.97 -1.88 25.19
N GLU A 170 16.89 -3.07 24.59
CA GLU A 170 18.06 -3.71 24.00
C GLU A 170 18.60 -2.85 22.85
N VAL A 171 17.69 -2.34 22.02
CA VAL A 171 18.08 -1.54 20.87
C VAL A 171 18.66 -0.19 21.28
N ALA A 172 18.12 0.39 22.34
CA ALA A 172 18.62 1.65 22.88
C ALA A 172 20.10 1.54 23.25
N GLU A 173 20.47 0.45 23.92
CA GLU A 173 21.84 0.25 24.36
C GLU A 173 22.82 0.09 23.20
N GLU A 174 22.39 -0.62 22.15
CA GLU A 174 23.22 -0.78 20.97
C GLU A 174 23.37 0.54 20.22
N ILE A 175 22.29 1.32 20.14
CA ILE A 175 22.32 2.64 19.54
C ILE A 175 23.34 3.52 20.25
N ALA A 176 23.35 3.47 21.57
CA ALA A 176 24.28 4.26 22.37
C ALA A 176 25.73 3.90 22.03
N ARG A 177 26.00 2.61 21.85
CA ARG A 177 27.34 2.15 21.48
C ARG A 177 27.76 2.73 20.12
N LEU A 178 26.86 2.64 19.15
CA LEU A 178 27.12 3.16 17.81
C LEU A 178 27.36 4.66 17.82
N GLU A 179 26.50 5.41 18.49
CA GLU A 179 26.58 6.87 18.46
C GLU A 179 27.86 7.33 19.15
N ALA A 180 28.25 6.64 20.22
CA ALA A 180 29.48 6.96 20.94
C ALA A 180 30.69 6.76 20.01
N GLU A 181 30.69 5.66 19.26
CA GLU A 181 31.75 5.42 18.28
C GLU A 181 31.79 6.47 17.19
N VAL A 182 30.62 6.81 16.65
CA VAL A 182 30.54 7.83 15.62
C VAL A 182 31.09 9.16 16.11
N PHE A 183 30.76 9.53 17.34
CA PHE A 183 31.22 10.79 17.92
C PHE A 183 32.74 10.78 18.14
N ARG A 184 33.26 9.65 18.60
CA ARG A 184 34.70 9.49 18.77
C ARG A 184 35.42 9.67 17.44
N LEU A 185 34.89 9.02 16.40
CA LEU A 185 35.52 9.03 15.08
C LEU A 185 35.44 10.41 14.44
N ALA A 186 34.39 11.16 14.77
CA ALA A 186 34.24 12.51 14.28
C ALA A 186 35.16 13.46 15.05
N GLY A 187 35.51 13.06 16.28
CA GLY A 187 36.35 13.89 17.13
C GLY A 187 35.56 14.80 18.05
N HIS A 188 34.23 14.68 17.98
CA HIS A 188 33.33 15.54 18.75
C HIS A 188 31.88 15.10 18.55
N PRO A 189 31.05 15.30 19.59
CA PRO A 189 29.62 15.01 19.48
C PRO A 189 28.86 16.02 18.64
N PHE A 190 27.80 15.56 17.99
CA PHE A 190 26.86 16.43 17.28
C PHE A 190 25.52 15.70 17.22
N ASN A 191 24.51 16.32 16.64
CA ASN A 191 23.21 15.64 16.52
C ASN A 191 23.25 14.69 15.32
N LEU A 192 23.43 13.40 15.59
CA LEU A 192 23.59 12.41 14.54
C LEU A 192 22.28 12.16 13.78
N ASN A 193 21.17 12.61 14.36
CA ASN A 193 19.89 12.58 13.68
C ASN A 193 19.74 13.70 12.65
N SER A 194 20.67 14.65 12.67
CA SER A 194 20.65 15.76 11.73
C SER A 194 21.53 15.45 10.52
N ARG A 195 20.92 15.26 9.36
CA ARG A 195 21.68 14.98 8.16
C ARG A 195 22.48 16.20 7.70
N ASP A 196 22.07 17.39 8.14
CA ASP A 196 22.80 18.61 7.83
C ASP A 196 24.12 18.67 8.59
N GLN A 197 24.06 18.35 9.88
CA GLN A 197 25.26 18.31 10.72
C GLN A 197 26.18 17.19 10.25
N LEU A 198 25.61 16.04 9.94
CA LEU A 198 26.36 14.89 9.46
C LEU A 198 27.08 15.16 8.13
N GLU A 199 26.43 15.92 7.24
CA GLU A 199 27.03 16.26 5.96
C GLU A 199 28.34 17.02 6.18
N ARG A 200 28.32 17.95 7.13
CA ARG A 200 29.49 18.78 7.40
C ARG A 200 30.60 17.93 8.00
N VAL A 201 30.23 16.97 8.83
CA VAL A 201 31.22 16.09 9.45
C VAL A 201 31.89 15.22 8.40
N LEU A 202 31.08 14.61 7.54
CA LEU A 202 31.61 13.69 6.54
C LEU A 202 32.44 14.42 5.49
N PHE A 203 31.89 15.49 4.94
CA PHE A 203 32.45 16.09 3.74
C PHE A 203 33.33 17.32 3.99
N ASP A 204 33.11 18.01 5.10
CA ASP A 204 33.90 19.20 5.43
C ASP A 204 34.98 18.90 6.47
N GLU A 205 34.63 18.18 7.52
CA GLU A 205 35.57 17.93 8.62
C GLU A 205 36.46 16.75 8.29
N LEU A 206 35.84 15.62 7.91
CA LEU A 206 36.61 14.47 7.44
C LEU A 206 36.92 14.69 5.96
N GLY A 207 37.72 13.81 5.38
CA GLY A 207 38.22 14.03 4.03
C GLY A 207 37.26 13.65 2.92
N LEU A 208 36.13 13.06 3.28
CA LEU A 208 35.35 12.23 2.36
C LEU A 208 34.82 12.99 1.15
N PRO A 209 34.88 12.36 -0.03
CA PRO A 209 34.36 12.89 -1.29
C PRO A 209 32.84 12.81 -1.36
N ALA A 210 32.19 13.94 -1.67
CA ALA A 210 30.76 13.94 -1.94
C ALA A 210 30.48 13.16 -3.22
N ILE A 211 29.38 12.45 -3.25
CA ILE A 211 29.05 11.62 -4.41
C ILE A 211 27.79 12.12 -5.14
N GLY A 212 26.82 12.58 -4.36
CA GLY A 212 25.57 13.04 -4.94
C GLY A 212 24.96 14.21 -4.21
N LYS A 213 23.95 14.82 -4.84
CA LYS A 213 23.32 16.00 -4.30
C LYS A 213 21.85 15.71 -4.06
N THR A 214 21.24 16.46 -3.14
CA THR A 214 19.83 16.23 -2.83
C THR A 214 18.95 16.98 -3.82
N GLU A 215 17.70 16.55 -3.93
CA GLU A 215 16.84 16.98 -5.02
C GLU A 215 16.43 18.45 -4.96
N LYS A 216 15.84 18.85 -3.84
CA LYS A 216 15.20 20.16 -3.73
C LYS A 216 16.14 21.30 -3.37
N THR A 217 17.12 21.01 -2.51
CA THR A 217 18.00 22.06 -1.98
C THR A 217 19.47 21.87 -2.36
N GLY A 218 19.77 20.77 -3.04
CA GLY A 218 21.10 20.54 -3.58
C GLY A 218 22.21 20.44 -2.55
N LYS A 219 21.87 19.91 -1.38
CA LYS A 219 22.88 19.63 -0.38
C LYS A 219 23.63 18.36 -0.75
N ARG A 220 24.80 18.15 -0.17
CA ARG A 220 25.55 16.92 -0.38
C ARG A 220 24.82 15.78 0.33
N SER A 221 24.40 14.77 -0.43
CA SER A 221 23.57 13.72 0.12
C SER A 221 24.34 12.82 1.09
N THR A 222 23.64 12.35 2.12
CA THR A 222 24.18 11.37 3.05
C THR A 222 23.32 10.12 3.03
N SER A 223 22.65 9.88 1.91
CA SER A 223 21.74 8.74 1.80
C SER A 223 22.49 7.43 1.90
N ALA A 224 21.75 6.35 2.11
CA ALA A 224 22.36 5.03 2.28
C ALA A 224 23.15 4.62 1.04
N ALA A 225 22.67 5.02 -0.13
CA ALA A 225 23.34 4.73 -1.39
C ALA A 225 24.71 5.37 -1.41
N VAL A 226 24.78 6.61 -0.93
CA VAL A 226 26.05 7.34 -0.87
C VAL A 226 27.00 6.71 0.14
N LEU A 227 26.47 6.35 1.32
CA LEU A 227 27.32 5.78 2.36
C LEU A 227 27.88 4.40 2.00
N GLU A 228 27.10 3.56 1.33
CA GLU A 228 27.60 2.27 0.86
C GLU A 228 28.81 2.49 -0.03
N ALA A 229 28.71 3.45 -0.93
CA ALA A 229 29.81 3.76 -1.84
C ALA A 229 31.04 4.26 -1.08
N LEU A 230 30.84 4.80 0.12
CA LEU A 230 31.95 5.36 0.90
C LEU A 230 32.37 4.41 2.03
N ARG A 231 31.91 3.17 1.95
CA ARG A 231 32.12 2.18 3.00
C ARG A 231 33.61 1.93 3.26
N GLU A 232 34.41 2.05 2.21
CA GLU A 232 35.83 1.69 2.32
C GLU A 232 36.70 2.94 2.37
N ALA A 233 36.09 4.07 2.71
CA ALA A 233 36.83 5.33 2.77
C ALA A 233 37.13 5.75 4.20
N HIS A 234 36.31 5.28 5.15
CA HIS A 234 36.48 5.67 6.55
C HIS A 234 35.61 4.77 7.45
N PRO A 235 36.13 4.41 8.64
CA PRO A 235 35.39 3.47 9.50
C PRO A 235 34.07 4.04 10.03
N ILE A 236 33.94 5.37 10.05
CA ILE A 236 32.74 6.01 10.61
C ILE A 236 31.51 5.70 9.77
N VAL A 237 31.71 5.40 8.49
CA VAL A 237 30.61 5.24 7.56
C VAL A 237 29.74 4.03 7.91
N GLU A 238 30.36 2.87 8.09
CA GLU A 238 29.64 1.65 8.46
C GLU A 238 28.88 1.83 9.76
N LYS A 239 29.49 2.53 10.72
CA LYS A 239 28.85 2.80 12.01
C LYS A 239 27.58 3.62 11.84
N ILE A 240 27.62 4.59 10.93
CA ILE A 240 26.45 5.42 10.64
C ILE A 240 25.33 4.61 10.01
N LEU A 241 25.69 3.73 9.06
CA LEU A 241 24.72 2.87 8.41
C LEU A 241 24.00 2.00 9.44
N GLN A 242 24.75 1.48 10.40
CA GLN A 242 24.15 0.64 11.43
C GLN A 242 23.27 1.49 12.35
N TYR A 243 23.76 2.69 12.68
CA TYR A 243 22.98 3.63 13.50
C TYR A 243 21.66 3.97 12.83
N ARG A 244 21.71 4.24 11.52
CA ARG A 244 20.53 4.58 10.75
C ARG A 244 19.48 3.48 10.77
N GLU A 245 19.93 2.25 10.58
CA GLU A 245 19.03 1.10 10.53
C GLU A 245 18.30 0.95 11.85
N LEU A 246 19.07 0.99 12.93
CA LEU A 246 18.55 0.78 14.27
C LEU A 246 17.57 1.90 14.69
N THR A 247 17.97 3.14 14.45
CA THR A 247 17.15 4.28 14.86
C THR A 247 15.88 4.38 14.02
N LYS A 248 15.98 4.04 12.74
CA LYS A 248 14.81 4.01 11.86
C LYS A 248 13.76 3.06 12.40
N LEU A 249 14.18 1.85 12.75
CA LEU A 249 13.27 0.81 13.19
C LEU A 249 12.71 1.12 14.58
N LYS A 250 13.54 1.67 15.45
CA LYS A 250 13.11 2.01 16.80
C LYS A 250 12.12 3.17 16.78
N SER A 251 12.49 4.24 16.08
CA SER A 251 11.68 5.46 16.04
C SER A 251 10.35 5.26 15.31
N THR A 252 10.34 4.36 14.33
CA THR A 252 9.18 4.22 13.46
C THR A 252 8.25 3.06 13.88
N TYR A 253 8.82 2.00 14.44
CA TYR A 253 8.03 0.82 14.78
C TYR A 253 8.08 0.45 16.26
N ILE A 254 9.27 0.18 16.77
CA ILE A 254 9.40 -0.40 18.11
C ILE A 254 8.76 0.48 19.18
N ASP A 255 8.97 1.79 19.08
CA ASP A 255 8.50 2.72 20.11
C ASP A 255 7.05 3.21 19.92
N PRO A 256 6.66 3.63 18.69
CA PRO A 256 5.30 4.15 18.52
C PRO A 256 4.18 3.12 18.65
N LEU A 257 4.36 1.95 18.04
CA LEU A 257 3.26 0.99 17.90
C LEU A 257 2.65 0.49 19.22
N PRO A 258 3.48 0.14 20.23
CA PRO A 258 2.84 -0.31 21.48
C PRO A 258 1.93 0.75 22.11
N ASP A 259 2.17 2.02 21.79
CA ASP A 259 1.38 3.11 22.34
C ASP A 259 0.03 3.27 21.60
N LEU A 260 -0.15 2.52 20.52
CA LEU A 260 -1.33 2.67 19.68
C LEU A 260 -2.34 1.54 19.84
N ILE A 261 -2.14 0.68 20.83
CA ILE A 261 -3.10 -0.37 21.12
C ILE A 261 -4.41 0.23 21.59
N HIS A 262 -5.51 -0.18 20.99
CA HIS A 262 -6.81 0.39 21.32
C HIS A 262 -7.30 -0.20 22.66
N PRO A 263 -7.68 0.67 23.60
CA PRO A 263 -8.08 0.27 24.95
C PRO A 263 -9.24 -0.74 25.02
N ARG A 264 -10.17 -0.66 24.06
CA ARG A 264 -11.32 -1.55 24.06
C ARG A 264 -11.01 -2.90 23.42
N THR A 265 -10.31 -2.87 22.29
CA THR A 265 -10.09 -4.08 21.51
C THR A 265 -8.80 -4.77 21.92
N GLY A 266 -7.87 -4.00 22.48
CA GLY A 266 -6.56 -4.51 22.83
C GLY A 266 -5.80 -4.94 21.59
N ARG A 267 -6.17 -4.38 20.44
CA ARG A 267 -5.47 -4.64 19.19
C ARG A 267 -5.06 -3.35 18.47
N LEU A 268 -4.26 -3.51 17.43
CA LEU A 268 -3.73 -2.38 16.66
C LEU A 268 -4.57 -2.20 15.39
N HIS A 269 -5.12 -1.00 15.21
CA HIS A 269 -6.03 -0.76 14.09
C HIS A 269 -5.50 0.25 13.08
N THR A 270 -5.39 -0.16 11.83
CA THR A 270 -4.94 0.72 10.76
C THR A 270 -6.11 1.26 9.96
N ARG A 271 -5.83 2.18 9.04
CA ARG A 271 -6.80 2.68 8.09
C ARG A 271 -6.41 2.21 6.69
N PHE A 272 -7.35 1.60 5.97
CA PHE A 272 -7.10 1.21 4.58
C PHE A 272 -7.72 2.21 3.62
N ASN A 273 -6.89 3.10 3.09
CA ASN A 273 -7.35 4.21 2.26
C ASN A 273 -7.63 3.77 0.82
N GLN A 274 -8.86 3.99 0.37
CA GLN A 274 -9.32 3.46 -0.91
C GLN A 274 -9.12 4.44 -2.05
N THR A 275 -8.95 5.72 -1.73
CA THR A 275 -8.79 6.73 -2.77
C THR A 275 -7.50 7.53 -2.56
N ALA A 276 -6.37 6.83 -2.57
CA ALA A 276 -5.11 7.44 -2.15
C ALA A 276 -3.97 7.28 -3.16
N THR A 277 -4.11 6.35 -4.11
CA THR A 277 -3.01 6.08 -5.05
C THR A 277 -3.39 6.31 -6.51
N ALA A 278 -2.38 6.56 -7.33
CA ALA A 278 -2.56 6.81 -8.76
C ALA A 278 -2.84 5.54 -9.58
N THR A 279 -2.63 4.38 -8.98
CA THR A 279 -2.68 3.13 -9.76
C THR A 279 -3.83 2.21 -9.37
N GLY A 280 -4.51 2.51 -8.27
CA GLY A 280 -5.58 1.64 -7.80
C GLY A 280 -5.20 0.79 -6.60
N ARG A 281 -3.94 0.85 -6.18
CA ARG A 281 -3.55 0.21 -4.93
C ARG A 281 -4.26 0.88 -3.76
N LEU A 282 -4.43 0.15 -2.68
CA LEU A 282 -4.79 0.73 -1.39
C LEU A 282 -3.55 1.39 -0.80
N SER A 283 -3.75 2.25 0.19
CA SER A 283 -2.68 2.57 1.11
C SER A 283 -3.12 2.32 2.54
N SER A 284 -2.18 2.33 3.47
CA SER A 284 -2.48 2.07 4.87
C SER A 284 -1.86 3.18 5.69
N SER A 285 -2.60 3.69 6.67
CA SER A 285 -2.06 4.77 7.50
C SER A 285 -2.61 4.80 8.93
N ASP A 286 -1.86 5.44 9.82
CA ASP A 286 -2.31 5.77 11.17
C ASP A 286 -2.58 4.54 12.05
N PRO A 287 -1.61 3.60 12.15
CA PRO A 287 -0.29 3.58 11.51
C PRO A 287 -0.31 2.81 10.20
N ASN A 288 0.71 3.00 9.38
CA ASN A 288 0.89 2.24 8.15
C ASN A 288 1.29 0.82 8.50
N LEU A 289 0.45 -0.16 8.17
CA LEU A 289 0.78 -1.56 8.44
C LEU A 289 1.20 -2.30 7.17
N GLN A 290 1.39 -1.55 6.09
CA GLN A 290 1.90 -2.11 4.85
C GLN A 290 3.41 -1.92 4.67
N ASN A 291 4.08 -1.37 5.68
CA ASN A 291 5.53 -1.28 5.63
C ASN A 291 6.22 -1.79 6.89
N ILE A 292 5.64 -2.82 7.51
CA ILE A 292 6.29 -3.48 8.65
C ILE A 292 7.58 -4.16 8.15
N PRO A 293 8.69 -4.00 8.89
CA PRO A 293 10.01 -4.50 8.47
C PRO A 293 10.03 -6.01 8.27
N VAL A 294 10.94 -6.50 7.43
CA VAL A 294 11.10 -7.94 7.23
C VAL A 294 12.48 -8.34 6.68
N ARG A 295 13.21 -7.38 6.11
CA ARG A 295 14.45 -7.69 5.41
C ARG A 295 15.64 -8.01 6.33
N THR A 296 15.84 -7.20 7.38
CA THR A 296 16.99 -7.37 8.26
C THR A 296 16.66 -8.20 9.51
N PRO A 297 17.70 -8.67 10.24
CA PRO A 297 17.46 -9.43 11.47
C PRO A 297 16.57 -8.71 12.48
N LEU A 298 16.87 -7.45 12.79
CA LEU A 298 16.04 -6.68 13.70
C LEU A 298 14.64 -6.48 13.13
N GLY A 299 14.57 -6.23 11.83
CA GLY A 299 13.29 -6.09 11.15
C GLY A 299 12.40 -7.31 11.34
N GLN A 300 12.98 -8.49 11.22
CA GLN A 300 12.25 -9.73 11.37
C GLN A 300 11.73 -9.83 12.81
N ARG A 301 12.56 -9.36 13.75
CA ARG A 301 12.18 -9.38 15.17
C ARG A 301 10.96 -8.52 15.43
N ILE A 302 10.83 -7.45 14.67
CA ILE A 302 9.68 -6.55 14.80
C ILE A 302 8.45 -7.20 14.19
N ARG A 303 8.60 -7.77 13.01
CA ARG A 303 7.49 -8.43 12.34
C ARG A 303 6.93 -9.56 13.21
N ARG A 304 7.79 -10.17 14.01
CA ARG A 304 7.35 -11.26 14.89
C ARG A 304 6.44 -10.78 16.01
N ALA A 305 6.37 -9.47 16.22
CA ALA A 305 5.50 -8.92 17.25
C ALA A 305 4.03 -8.97 16.83
N PHE A 306 3.80 -9.19 15.54
CA PHE A 306 2.44 -9.29 15.03
C PHE A 306 1.96 -10.72 15.15
N ILE A 307 1.05 -10.96 16.09
CA ILE A 307 0.72 -12.33 16.48
C ILE A 307 -0.77 -12.63 16.37
N ALA A 308 -1.08 -13.92 16.31
CA ALA A 308 -2.46 -14.38 16.29
C ALA A 308 -3.04 -14.33 17.70
N GLU A 309 -4.35 -14.11 17.79
CA GLU A 309 -5.06 -14.22 19.06
C GLU A 309 -4.86 -15.64 19.60
N GLU A 310 -4.86 -15.78 20.92
CA GLU A 310 -4.74 -17.10 21.54
C GLU A 310 -5.81 -18.05 21.02
N GLY A 311 -5.40 -19.23 20.58
CA GLY A 311 -6.34 -20.21 20.06
C GLY A 311 -6.53 -20.05 18.56
N TRP A 312 -5.86 -19.07 17.98
CA TRP A 312 -5.96 -18.80 16.55
C TRP A 312 -4.60 -18.89 15.89
N LEU A 313 -4.58 -18.87 14.55
CA LEU A 313 -3.35 -18.80 13.79
C LEU A 313 -3.48 -17.74 12.71
N LEU A 314 -2.35 -17.11 12.35
CA LEU A 314 -2.34 -16.23 11.20
C LEU A 314 -2.18 -17.05 9.92
N VAL A 315 -2.87 -16.65 8.87
CA VAL A 315 -2.65 -17.22 7.56
C VAL A 315 -2.23 -16.11 6.60
N ALA A 316 -1.05 -16.25 6.00
CA ALA A 316 -0.55 -15.27 5.05
C ALA A 316 -0.53 -15.82 3.63
N LEU A 317 -1.13 -15.08 2.71
CA LEU A 317 -1.18 -15.48 1.30
C LEU A 317 -0.60 -14.40 0.41
N ASP A 318 0.25 -14.79 -0.54
CA ASP A 318 1.03 -13.86 -1.35
C ASP A 318 1.14 -14.35 -2.78
N TYR A 319 0.62 -13.55 -3.72
CA TYR A 319 0.68 -13.89 -5.13
C TYR A 319 2.12 -13.99 -5.59
N SER A 320 2.42 -15.04 -6.35
CA SER A 320 3.78 -15.27 -6.83
C SER A 320 4.05 -14.44 -8.08
N GLN A 321 5.15 -13.68 -8.07
CA GLN A 321 5.62 -12.93 -9.23
C GLN A 321 4.47 -12.21 -9.93
N ILE A 322 3.62 -11.55 -9.15
CA ILE A 322 2.30 -11.15 -9.68
C ILE A 322 2.36 -10.21 -10.86
N GLU A 323 3.15 -9.14 -10.77
CA GLU A 323 3.20 -8.16 -11.86
C GLU A 323 3.84 -8.74 -13.13
N LEU A 324 4.75 -9.71 -12.96
CA LEU A 324 5.35 -10.36 -14.11
C LEU A 324 4.28 -11.19 -14.83
N ARG A 325 3.49 -11.92 -14.05
CA ARG A 325 2.37 -12.70 -14.61
C ARG A 325 1.39 -11.77 -15.30
N VAL A 326 1.07 -10.66 -14.66
CA VAL A 326 0.14 -9.67 -15.21
C VAL A 326 0.68 -9.13 -16.53
N LEU A 327 1.98 -8.85 -16.57
CA LEU A 327 2.62 -8.33 -17.77
C LEU A 327 2.49 -9.31 -18.93
N ALA A 328 2.64 -10.60 -18.62
CA ALA A 328 2.49 -11.66 -19.62
C ALA A 328 1.11 -11.57 -20.27
N HIS A 329 0.08 -11.42 -19.45
CA HIS A 329 -1.29 -11.34 -19.95
C HIS A 329 -1.55 -10.07 -20.78
N LEU A 330 -1.11 -8.92 -20.27
CA LEU A 330 -1.38 -7.65 -20.93
C LEU A 330 -0.64 -7.56 -22.27
N SER A 331 0.58 -8.08 -22.31
CA SER A 331 1.42 -7.93 -23.49
C SER A 331 1.10 -9.05 -24.48
N GLY A 332 0.70 -10.19 -23.93
CA GLY A 332 0.46 -11.38 -24.74
C GLY A 332 1.74 -11.97 -25.29
N ASP A 333 2.85 -11.70 -24.61
CA ASP A 333 4.12 -12.25 -25.03
C ASP A 333 4.14 -13.75 -24.80
N GLU A 334 4.29 -14.51 -25.87
CA GLU A 334 4.28 -15.97 -25.81
C GLU A 334 5.38 -16.51 -24.94
N ASN A 335 6.55 -15.94 -25.19
CA ASN A 335 7.78 -16.29 -24.53
C ASN A 335 7.64 -16.20 -22.99
N LEU A 336 7.03 -15.11 -22.53
CA LEU A 336 6.82 -14.83 -21.10
C LEU A 336 5.75 -15.76 -20.53
N ILE A 337 4.64 -15.88 -21.27
CA ILE A 337 3.57 -16.81 -20.94
C ILE A 337 4.10 -18.22 -20.75
N ARG A 338 5.03 -18.61 -21.62
CA ARG A 338 5.61 -19.94 -21.58
C ARG A 338 6.41 -20.17 -20.30
N VAL A 339 7.13 -19.14 -19.88
CA VAL A 339 7.90 -19.16 -18.63
C VAL A 339 7.04 -19.58 -17.44
N PHE A 340 5.83 -19.05 -17.38
CA PHE A 340 4.95 -19.29 -16.24
C PHE A 340 4.20 -20.62 -16.40
N GLN A 341 3.92 -21.00 -17.64
CA GLN A 341 3.34 -22.31 -17.93
C GLN A 341 4.29 -23.43 -17.54
N GLU A 342 5.58 -23.13 -17.49
CA GLU A 342 6.59 -24.13 -17.16
C GLU A 342 6.96 -24.08 -15.67
N GLY A 343 6.21 -23.28 -14.91
CA GLY A 343 6.44 -23.18 -13.48
C GLY A 343 7.80 -22.64 -13.10
N ARG A 344 8.34 -21.74 -13.92
CA ARG A 344 9.64 -21.14 -13.63
C ARG A 344 9.52 -19.92 -12.72
N ASP A 345 10.65 -19.51 -12.16
CA ASP A 345 10.70 -18.37 -11.26
C ASP A 345 11.77 -17.38 -11.74
N ILE A 346 11.33 -16.23 -12.22
CA ILE A 346 12.24 -15.26 -12.82
C ILE A 346 13.10 -14.57 -11.76
N HIS A 347 12.54 -14.43 -10.56
CA HIS A 347 13.26 -13.82 -9.45
C HIS A 347 14.41 -14.71 -9.00
N THR A 348 14.16 -16.02 -8.90
CA THR A 348 15.19 -16.96 -8.49
C THR A 348 16.28 -17.05 -9.56
N GLU A 349 15.87 -17.04 -10.82
CA GLU A 349 16.81 -17.13 -11.93
C GLU A 349 17.72 -15.91 -11.99
N THR A 350 17.13 -14.72 -11.87
CA THR A 350 17.91 -13.48 -11.82
C THR A 350 18.86 -13.51 -10.63
N ALA A 351 18.38 -14.05 -9.51
CA ALA A 351 19.16 -14.10 -8.28
C ALA A 351 20.38 -15.00 -8.47
N SER A 352 20.15 -16.15 -9.08
CA SER A 352 21.23 -17.11 -9.35
C SER A 352 22.30 -16.46 -10.20
N TRP A 353 21.87 -15.65 -11.16
CA TRP A 353 22.78 -14.90 -12.02
C TRP A 353 23.54 -13.84 -11.22
N MET A 354 22.79 -13.03 -10.47
CA MET A 354 23.36 -11.94 -9.67
C MET A 354 24.50 -12.41 -8.78
N PHE A 355 24.24 -13.43 -7.96
CA PHE A 355 25.21 -13.87 -6.98
C PHE A 355 26.10 -15.00 -7.49
N GLY A 356 25.90 -15.40 -8.74
CA GLY A 356 26.72 -16.41 -9.38
C GLY A 356 26.69 -17.74 -8.64
N VAL A 357 25.50 -18.26 -8.41
CA VAL A 357 25.32 -19.56 -7.75
C VAL A 357 24.16 -20.32 -8.36
N PRO A 358 24.16 -21.66 -8.24
CA PRO A 358 23.03 -22.46 -8.75
C PRO A 358 21.69 -22.03 -8.14
N ARG A 359 20.60 -22.31 -8.84
CA ARG A 359 19.27 -21.88 -8.42
C ARG A 359 18.89 -22.41 -7.03
N GLU A 360 19.44 -23.57 -6.67
CA GLU A 360 19.16 -24.18 -5.37
C GLU A 360 19.89 -23.45 -4.24
N ALA A 361 20.96 -22.74 -4.58
CA ALA A 361 21.77 -22.04 -3.60
C ALA A 361 21.14 -20.70 -3.19
N VAL A 362 20.20 -20.23 -4.00
CA VAL A 362 19.52 -18.95 -3.73
C VAL A 362 18.70 -19.00 -2.45
N ASP A 363 19.07 -18.16 -1.48
CA ASP A 363 18.29 -18.01 -0.26
C ASP A 363 17.22 -16.92 -0.44
N PRO A 364 16.27 -16.80 0.50
CA PRO A 364 15.23 -15.78 0.36
C PRO A 364 15.76 -14.36 0.17
N LEU A 365 16.73 -13.95 0.97
CA LEU A 365 17.28 -12.60 0.89
C LEU A 365 17.93 -12.29 -0.46
N MET A 366 18.46 -13.32 -1.12
CA MET A 366 19.03 -13.18 -2.45
C MET A 366 17.91 -12.94 -3.47
N ARG A 367 16.88 -13.79 -3.40
CA ARG A 367 15.72 -13.69 -4.26
C ARG A 367 15.07 -12.31 -4.14
N ARG A 368 14.93 -11.83 -2.91
CA ARG A 368 14.36 -10.51 -2.65
C ARG A 368 15.16 -9.41 -3.37
N ALA A 369 16.48 -9.48 -3.23
CA ALA A 369 17.39 -8.56 -3.93
C ALA A 369 17.10 -8.55 -5.43
N ALA A 370 16.84 -9.73 -5.98
CA ALA A 370 16.60 -9.90 -7.42
C ALA A 370 15.29 -9.25 -7.86
N LYS A 371 14.36 -9.09 -6.93
CA LYS A 371 13.07 -8.48 -7.24
C LYS A 371 13.31 -7.04 -7.68
N THR A 372 14.08 -6.29 -6.89
CA THR A 372 14.37 -4.91 -7.22
C THR A 372 14.98 -4.82 -8.61
N ILE A 373 15.88 -5.75 -8.92
CA ILE A 373 16.52 -5.76 -10.23
C ILE A 373 15.54 -6.08 -11.36
N ASN A 374 14.72 -7.10 -11.17
CA ASN A 374 13.75 -7.50 -12.19
C ASN A 374 12.70 -6.44 -12.51
N PHE A 375 12.11 -5.86 -11.46
CA PHE A 375 11.11 -4.81 -11.62
C PHE A 375 11.76 -3.48 -11.97
N GLY A 376 12.91 -3.22 -11.37
CA GLY A 376 13.68 -2.03 -11.70
C GLY A 376 13.92 -1.91 -13.19
N VAL A 377 14.49 -2.97 -13.78
CA VAL A 377 14.78 -3.00 -15.20
C VAL A 377 13.50 -2.92 -16.04
N LEU A 378 12.47 -3.64 -15.61
CA LEU A 378 11.20 -3.68 -16.32
C LEU A 378 10.61 -2.27 -16.48
N TYR A 379 10.67 -1.49 -15.41
CA TYR A 379 10.01 -0.19 -15.40
C TYR A 379 10.97 0.96 -15.69
N GLY A 380 12.09 0.66 -16.34
CA GLY A 380 12.92 1.68 -16.94
C GLY A 380 14.20 2.10 -16.23
N MET A 381 14.76 1.21 -15.42
CA MET A 381 16.03 1.49 -14.75
C MET A 381 17.11 1.77 -15.79
N SER A 382 18.08 2.62 -15.44
CA SER A 382 19.17 2.93 -16.35
C SER A 382 20.31 1.94 -16.13
N ALA A 383 21.04 1.63 -17.21
CA ALA A 383 22.17 0.72 -17.15
C ALA A 383 23.19 1.18 -16.10
N HIS A 384 23.36 2.50 -16.00
CA HIS A 384 24.32 3.08 -15.06
C HIS A 384 24.02 2.75 -13.59
N ARG A 385 22.80 3.05 -13.15
CA ARG A 385 22.37 2.71 -11.79
C ARG A 385 22.49 1.20 -11.58
N LEU A 386 22.01 0.44 -12.56
CA LEU A 386 22.06 -1.02 -12.51
C LEU A 386 23.47 -1.52 -12.25
N SER A 387 24.43 -1.09 -13.07
CA SER A 387 25.83 -1.46 -12.86
C SER A 387 26.27 -1.04 -11.47
N GLN A 388 25.77 0.12 -11.04
CA GLN A 388 26.18 0.72 -9.79
C GLN A 388 25.66 -0.11 -8.61
N GLU A 389 24.36 -0.44 -8.64
CA GLU A 389 23.75 -1.18 -7.54
C GLU A 389 24.18 -2.64 -7.51
N LEU A 390 24.67 -3.16 -8.63
CA LEU A 390 25.19 -4.52 -8.70
C LEU A 390 26.71 -4.56 -8.57
N ALA A 391 27.33 -3.38 -8.58
CA ALA A 391 28.78 -3.25 -8.51
C ALA A 391 29.46 -4.11 -9.57
N ILE A 392 28.81 -4.21 -10.73
CA ILE A 392 29.37 -4.86 -11.90
C ILE A 392 29.68 -3.77 -12.93
N PRO A 393 30.60 -4.05 -13.87
CA PRO A 393 30.92 -3.02 -14.88
C PRO A 393 29.68 -2.58 -15.66
N TYR A 394 29.73 -1.37 -16.20
CA TYR A 394 28.61 -0.81 -16.97
C TYR A 394 28.21 -1.73 -18.12
N GLU A 395 29.21 -2.29 -18.80
CA GLU A 395 28.96 -3.15 -19.95
C GLU A 395 28.07 -4.35 -19.63
N GLU A 396 28.32 -4.98 -18.48
CA GLU A 396 27.51 -6.12 -18.05
C GLU A 396 26.06 -5.72 -17.79
N ALA A 397 25.88 -4.65 -17.03
CA ALA A 397 24.54 -4.14 -16.69
C ALA A 397 23.72 -3.88 -17.95
N GLN A 398 24.33 -3.13 -18.85
CA GLN A 398 23.73 -2.77 -20.13
C GLN A 398 23.34 -4.07 -20.85
N ALA A 399 24.24 -5.04 -20.81
CA ALA A 399 24.06 -6.33 -21.46
C ALA A 399 22.87 -7.08 -20.85
N PHE A 400 22.73 -7.02 -19.54
CA PHE A 400 21.61 -7.67 -18.87
C PHE A 400 20.23 -7.13 -19.31
N ILE A 401 20.14 -5.81 -19.54
CA ILE A 401 18.86 -5.16 -19.87
C ILE A 401 18.36 -5.44 -21.26
N GLU A 402 19.31 -5.56 -22.17
CA GLU A 402 19.02 -5.90 -23.53
C GLU A 402 18.55 -7.35 -23.58
N ARG A 403 19.21 -8.25 -22.84
CA ARG A 403 18.80 -9.66 -22.86
C ARG A 403 17.43 -9.82 -22.19
N TYR A 404 17.24 -9.11 -21.09
CA TYR A 404 15.98 -9.08 -20.35
C TYR A 404 14.80 -8.86 -21.29
N PHE A 405 14.93 -7.89 -22.18
CA PHE A 405 13.84 -7.54 -23.10
C PHE A 405 13.84 -8.35 -24.39
N GLN A 406 15.02 -8.72 -24.88
CA GLN A 406 15.10 -9.49 -26.14
C GLN A 406 14.53 -10.89 -25.90
N SER A 407 14.54 -11.30 -24.64
CA SER A 407 13.95 -12.55 -24.23
C SER A 407 12.44 -12.46 -24.38
N PHE A 408 11.89 -11.27 -24.13
CA PHE A 408 10.44 -11.09 -24.11
C PHE A 408 10.03 -9.98 -25.09
N PRO A 409 10.07 -10.28 -26.41
CA PRO A 409 9.84 -9.36 -27.54
C PRO A 409 8.63 -8.43 -27.42
N LYS A 410 7.46 -8.98 -27.19
CA LYS A 410 6.22 -8.21 -27.19
C LYS A 410 6.06 -7.28 -25.99
N VAL A 411 6.99 -7.35 -25.04
CA VAL A 411 6.90 -6.49 -23.86
C VAL A 411 7.17 -5.03 -24.25
N ARG A 412 8.26 -4.80 -24.98
CA ARG A 412 8.57 -3.45 -25.45
C ARG A 412 7.45 -2.96 -26.37
N ALA A 413 6.94 -3.86 -27.20
CA ALA A 413 5.83 -3.55 -28.10
C ALA A 413 4.60 -3.09 -27.33
N TRP A 414 4.29 -3.81 -26.25
CA TRP A 414 3.14 -3.44 -25.41
C TRP A 414 3.36 -2.05 -24.80
N ILE A 415 4.58 -1.79 -24.35
CA ILE A 415 4.92 -0.50 -23.76
C ILE A 415 4.71 0.63 -24.76
N GLU A 416 5.30 0.49 -25.95
CA GLU A 416 5.15 1.48 -27.01
C GLU A 416 3.68 1.74 -27.32
N LYS A 417 2.92 0.66 -27.44
CA LYS A 417 1.50 0.76 -27.74
C LYS A 417 0.76 1.47 -26.62
N THR A 418 1.10 1.11 -25.38
CA THR A 418 0.47 1.72 -24.21
C THR A 418 0.72 3.24 -24.16
N LEU A 419 1.96 3.65 -24.41
CA LEU A 419 2.32 5.06 -24.37
C LEU A 419 1.67 5.85 -25.50
N GLU A 420 1.68 5.27 -26.70
CA GLU A 420 1.05 5.90 -27.86
C GLU A 420 -0.42 6.17 -27.57
N GLU A 421 -1.08 5.19 -26.96
CA GLU A 421 -2.50 5.30 -26.68
C GLU A 421 -2.74 6.29 -25.55
N GLY A 422 -1.82 6.32 -24.60
CA GLY A 422 -1.86 7.28 -23.52
C GLY A 422 -1.72 8.71 -24.01
N ARG A 423 -0.89 8.91 -25.03
CA ARG A 423 -0.70 10.24 -25.61
C ARG A 423 -1.96 10.73 -26.32
N ARG A 424 -2.66 9.81 -26.98
CA ARG A 424 -3.85 10.16 -27.76
C ARG A 424 -5.02 10.49 -26.85
N ARG A 425 -5.30 9.60 -25.91
CA ARG A 425 -6.47 9.72 -25.05
C ARG A 425 -6.20 10.57 -23.82
N GLY A 426 -4.93 10.66 -23.41
CA GLY A 426 -4.59 11.41 -22.21
C GLY A 426 -4.53 10.55 -20.97
N TYR A 427 -4.85 9.27 -21.11
CA TYR A 427 -4.79 8.35 -19.98
C TYR A 427 -4.42 6.93 -20.40
N VAL A 428 -3.96 6.15 -19.43
CA VAL A 428 -3.71 4.74 -19.62
C VAL A 428 -4.68 3.99 -18.73
N GLU A 429 -4.76 2.67 -18.88
CA GLU A 429 -5.77 1.92 -18.15
C GLU A 429 -5.36 0.49 -17.83
N THR A 430 -5.93 -0.04 -16.75
CA THR A 430 -5.72 -1.41 -16.36
C THR A 430 -6.59 -2.34 -17.21
N LEU A 431 -6.41 -3.65 -17.01
CA LEU A 431 -7.20 -4.66 -17.73
C LEU A 431 -8.70 -4.44 -17.58
N PHE A 432 -9.12 -3.98 -16.41
CA PHE A 432 -10.54 -3.77 -16.13
C PHE A 432 -10.99 -2.35 -16.42
N GLY A 433 -10.08 -1.52 -16.91
CA GLY A 433 -10.46 -0.18 -17.35
C GLY A 433 -10.30 0.94 -16.32
N ARG A 434 -9.63 0.65 -15.20
CA ARG A 434 -9.28 1.72 -14.27
C ARG A 434 -8.34 2.67 -14.99
N ARG A 435 -8.55 3.98 -14.85
CA ARG A 435 -7.77 4.94 -15.61
C ARG A 435 -6.82 5.76 -14.75
N ARG A 436 -5.70 6.16 -15.35
CA ARG A 436 -4.83 7.17 -14.77
C ARG A 436 -4.47 8.18 -15.86
N TYR A 437 -4.78 9.45 -15.61
CA TYR A 437 -4.44 10.50 -16.56
C TYR A 437 -2.96 10.86 -16.46
N VAL A 438 -2.29 10.94 -17.61
CA VAL A 438 -0.87 11.25 -17.66
C VAL A 438 -0.58 12.29 -18.75
N PRO A 439 -0.92 13.56 -18.46
CA PRO A 439 -0.76 14.66 -19.43
C PRO A 439 0.70 14.90 -19.83
N ASP A 440 1.64 14.56 -18.96
CA ASP A 440 3.06 14.82 -19.21
C ASP A 440 3.69 13.89 -20.24
N LEU A 441 2.91 12.98 -20.81
CA LEU A 441 3.39 12.18 -21.94
C LEU A 441 3.71 13.04 -23.15
N GLU A 442 3.13 14.24 -23.21
CA GLU A 442 3.38 15.14 -24.31
C GLU A 442 4.24 16.35 -23.89
N ALA A 443 4.89 16.24 -22.73
CA ALA A 443 5.83 17.24 -22.27
C ALA A 443 6.95 17.44 -23.28
N ARG A 444 7.43 18.67 -23.40
CA ARG A 444 8.52 18.99 -24.33
C ARG A 444 9.88 18.82 -23.66
N VAL A 445 9.90 18.77 -22.33
CA VAL A 445 11.11 18.47 -21.59
C VAL A 445 11.25 16.96 -21.50
N LYS A 446 12.36 16.43 -22.01
CA LYS A 446 12.56 14.98 -22.10
C LYS A 446 12.52 14.29 -20.74
N SER A 447 13.24 14.82 -19.77
CA SER A 447 13.28 14.22 -18.43
C SER A 447 11.89 14.16 -17.82
N VAL A 448 11.11 15.21 -18.00
CA VAL A 448 9.73 15.24 -17.50
C VAL A 448 8.89 14.22 -18.27
N ARG A 449 8.99 14.24 -19.59
CA ARG A 449 8.24 13.32 -20.45
C ARG A 449 8.56 11.86 -20.14
N GLU A 450 9.85 11.54 -19.99
CA GLU A 450 10.27 10.17 -19.78
C GLU A 450 9.90 9.65 -18.38
N ALA A 451 9.96 10.53 -17.38
CA ALA A 451 9.44 10.21 -16.06
C ALA A 451 7.97 9.84 -16.17
N ALA A 452 7.22 10.65 -16.90
CA ALA A 452 5.80 10.40 -17.10
C ALA A 452 5.56 9.06 -17.79
N GLU A 453 6.41 8.74 -18.77
CA GLU A 453 6.28 7.48 -19.49
C GLU A 453 6.43 6.27 -18.57
N ARG A 454 7.38 6.34 -17.64
CA ARG A 454 7.60 5.25 -16.69
C ARG A 454 6.40 5.11 -15.75
N MET A 455 5.83 6.24 -15.33
CA MET A 455 4.62 6.21 -14.52
C MET A 455 3.50 5.59 -15.32
N ALA A 456 3.41 5.99 -16.59
CA ALA A 456 2.28 5.62 -17.44
C ALA A 456 2.24 4.13 -17.75
N PHE A 457 3.36 3.55 -18.16
CA PHE A 457 3.32 2.13 -18.56
C PHE A 457 3.40 1.18 -17.37
N ASN A 458 3.80 1.69 -16.21
CA ASN A 458 3.76 0.92 -14.97
C ASN A 458 2.33 0.72 -14.48
N MET A 459 1.50 1.74 -14.63
CA MET A 459 0.18 1.77 -14.02
C MET A 459 -0.73 0.60 -14.44
N PRO A 460 -0.82 0.30 -15.75
CA PRO A 460 -1.67 -0.84 -16.14
C PRO A 460 -1.23 -2.13 -15.47
N VAL A 461 0.06 -2.30 -15.26
CA VAL A 461 0.57 -3.54 -14.67
C VAL A 461 0.30 -3.56 -13.17
N GLN A 462 0.79 -2.56 -12.45
CA GLN A 462 0.57 -2.48 -11.02
C GLN A 462 -0.93 -2.39 -10.71
N GLY A 463 -1.65 -1.61 -11.51
CA GLY A 463 -3.07 -1.41 -11.31
C GLY A 463 -3.92 -2.65 -11.54
N THR A 464 -3.55 -3.45 -12.53
CA THR A 464 -4.29 -4.68 -12.82
C THR A 464 -4.13 -5.63 -11.66
N ALA A 465 -2.89 -5.77 -11.19
CA ALA A 465 -2.59 -6.58 -10.01
C ALA A 465 -3.41 -6.08 -8.83
N ALA A 466 -3.49 -4.76 -8.68
CA ALA A 466 -4.31 -4.15 -7.63
C ALA A 466 -5.78 -4.55 -7.79
N ASP A 467 -6.29 -4.45 -9.01
CA ASP A 467 -7.68 -4.80 -9.30
C ASP A 467 -7.95 -6.26 -8.93
N LEU A 468 -7.00 -7.13 -9.27
CA LEU A 468 -7.17 -8.57 -9.05
C LEU A 468 -7.28 -8.85 -7.56
N MET A 469 -6.41 -8.23 -6.77
CA MET A 469 -6.45 -8.42 -5.32
C MET A 469 -7.75 -7.92 -4.72
N LYS A 470 -8.20 -6.76 -5.17
CA LYS A 470 -9.45 -6.19 -4.67
C LYS A 470 -10.62 -7.12 -4.97
N LEU A 471 -10.65 -7.63 -6.20
CA LEU A 471 -11.71 -8.54 -6.62
C LEU A 471 -11.66 -9.80 -5.74
N ALA A 472 -10.44 -10.24 -5.44
CA ALA A 472 -10.24 -11.44 -4.63
C ALA A 472 -10.72 -11.23 -3.20
N MET A 473 -10.49 -10.02 -2.67
CA MET A 473 -10.92 -9.68 -1.32
C MET A 473 -12.44 -9.67 -1.24
N VAL A 474 -13.08 -9.14 -2.28
CA VAL A 474 -14.53 -9.07 -2.32
C VAL A 474 -15.16 -10.46 -2.39
N LYS A 475 -14.53 -11.37 -3.14
CA LYS A 475 -15.01 -12.74 -3.22
C LYS A 475 -14.72 -13.54 -1.95
N LEU A 476 -13.54 -13.31 -1.37
CA LEU A 476 -13.07 -14.12 -0.25
C LEU A 476 -13.83 -13.80 1.04
N PHE A 477 -14.09 -12.51 1.27
CA PHE A 477 -14.65 -12.04 2.54
C PHE A 477 -15.88 -12.83 3.04
N PRO A 478 -16.93 -12.97 2.20
CA PRO A 478 -18.10 -13.70 2.70
C PRO A 478 -17.80 -15.15 3.06
N ARG A 479 -16.89 -15.78 2.32
CA ARG A 479 -16.49 -17.16 2.59
C ARG A 479 -15.84 -17.28 3.98
N LEU A 480 -15.06 -16.26 4.35
CA LEU A 480 -14.33 -16.29 5.62
C LEU A 480 -15.31 -16.11 6.78
N GLU A 481 -16.21 -15.14 6.65
CA GLU A 481 -17.28 -14.92 7.60
C GLU A 481 -17.97 -16.24 7.93
N GLU A 482 -18.29 -17.01 6.89
CA GLU A 482 -19.01 -18.27 7.04
C GLU A 482 -18.16 -19.30 7.78
N MET A 483 -16.84 -19.16 7.71
CA MET A 483 -15.94 -20.11 8.37
C MET A 483 -15.50 -19.62 9.74
N GLY A 484 -15.91 -18.40 10.10
CA GLY A 484 -15.52 -17.84 11.37
C GLY A 484 -14.08 -17.35 11.38
N ALA A 485 -13.54 -17.08 10.19
CA ALA A 485 -12.20 -16.52 10.07
C ALA A 485 -12.26 -15.02 9.82
N ARG A 486 -11.13 -14.34 10.02
CA ARG A 486 -11.06 -12.90 9.91
C ARG A 486 -10.06 -12.49 8.84
N MET A 487 -10.41 -11.48 8.04
CA MET A 487 -9.45 -10.84 7.16
C MET A 487 -8.88 -9.65 7.91
N LEU A 488 -7.55 -9.61 8.03
CA LEU A 488 -6.91 -8.63 8.90
C LEU A 488 -6.19 -7.52 8.14
N LEU A 489 -5.33 -7.90 7.20
CA LEU A 489 -4.50 -6.95 6.49
C LEU A 489 -4.41 -7.29 5.00
N GLN A 490 -4.24 -6.26 4.18
CA GLN A 490 -3.83 -6.44 2.80
C GLN A 490 -2.51 -5.70 2.64
N VAL A 491 -1.53 -6.35 2.02
CA VAL A 491 -0.27 -5.69 1.71
C VAL A 491 0.01 -5.81 0.22
N HIS A 492 -0.85 -5.16 -0.56
CA HIS A 492 -0.71 -5.03 -2.01
C HIS A 492 -1.03 -6.31 -2.79
N ASP A 493 -0.21 -7.35 -2.67
CA ASP A 493 -0.58 -8.60 -3.31
C ASP A 493 -0.56 -9.71 -2.27
N GLU A 494 -0.75 -9.31 -1.02
CA GLU A 494 -0.72 -10.24 0.09
C GLU A 494 -1.94 -10.00 0.99
N LEU A 495 -2.50 -11.08 1.51
CA LEU A 495 -3.55 -10.98 2.52
C LEU A 495 -3.09 -11.71 3.77
N VAL A 496 -3.41 -11.15 4.92
CA VAL A 496 -3.18 -11.83 6.19
C VAL A 496 -4.51 -12.06 6.88
N LEU A 497 -4.80 -13.32 7.15
CA LEU A 497 -6.05 -13.72 7.77
C LEU A 497 -5.77 -14.26 9.16
N GLU A 498 -6.82 -14.39 9.97
CA GLU A 498 -6.72 -14.98 11.29
C GLU A 498 -7.84 -16.01 11.42
N ALA A 499 -7.46 -17.25 11.68
CA ALA A 499 -8.40 -18.35 11.71
C ALA A 499 -8.27 -19.16 13.01
N PRO A 500 -9.38 -19.71 13.50
CA PRO A 500 -9.30 -20.65 14.63
C PRO A 500 -8.33 -21.78 14.27
N LYS A 501 -7.52 -22.24 15.22
CA LYS A 501 -6.50 -23.25 14.93
C LYS A 501 -7.08 -24.47 14.23
N GLU A 502 -8.23 -24.95 14.72
CA GLU A 502 -8.90 -26.10 14.14
C GLU A 502 -9.25 -25.92 12.66
N ARG A 503 -9.47 -24.69 12.23
CA ARG A 503 -9.92 -24.43 10.86
C ARG A 503 -8.87 -23.77 9.99
N ALA A 504 -7.71 -23.47 10.58
CA ALA A 504 -6.69 -22.66 9.92
C ALA A 504 -6.24 -23.28 8.60
N GLU A 505 -6.05 -24.60 8.61
CA GLU A 505 -5.62 -25.32 7.42
C GLU A 505 -6.68 -25.27 6.32
N ALA A 506 -7.94 -25.48 6.69
CA ALA A 506 -9.04 -25.43 5.73
C ALA A 506 -9.16 -24.03 5.13
N VAL A 507 -9.04 -23.02 5.99
CA VAL A 507 -9.12 -21.63 5.55
C VAL A 507 -8.02 -21.28 4.55
N ALA A 508 -6.79 -21.73 4.83
CA ALA A 508 -5.68 -21.45 3.94
C ALA A 508 -5.94 -22.02 2.54
N ARG A 509 -6.41 -23.27 2.46
CA ARG A 509 -6.63 -23.90 1.17
C ARG A 509 -7.71 -23.14 0.41
N LEU A 510 -8.81 -22.82 1.09
CA LEU A 510 -9.93 -22.12 0.45
C LEU A 510 -9.47 -20.77 -0.07
N ALA A 511 -8.81 -20.00 0.79
CA ALA A 511 -8.36 -18.65 0.45
C ALA A 511 -7.40 -18.70 -0.74
N LYS A 512 -6.54 -19.70 -0.75
CA LYS A 512 -5.59 -19.89 -1.85
C LYS A 512 -6.34 -20.09 -3.17
N GLU A 513 -7.34 -20.97 -3.15
CA GLU A 513 -8.10 -21.29 -4.34
C GLU A 513 -8.93 -20.10 -4.84
N VAL A 514 -9.49 -19.34 -3.91
CA VAL A 514 -10.26 -18.16 -4.28
C VAL A 514 -9.35 -17.15 -4.98
N MET A 515 -8.18 -16.91 -4.40
CA MET A 515 -7.25 -15.93 -4.93
C MET A 515 -6.71 -16.36 -6.30
N GLU A 516 -6.42 -17.65 -6.45
CA GLU A 516 -5.90 -18.16 -7.71
C GLU A 516 -6.96 -18.19 -8.81
N GLY A 517 -8.21 -18.41 -8.42
CA GLY A 517 -9.30 -18.55 -9.37
C GLY A 517 -10.10 -17.29 -9.61
N VAL A 518 -9.63 -16.16 -9.07
CA VAL A 518 -10.40 -14.92 -9.06
C VAL A 518 -10.79 -14.44 -10.47
N TYR A 519 -9.81 -14.37 -11.37
CA TYR A 519 -10.05 -13.90 -12.73
C TYR A 519 -8.93 -14.48 -13.57
N PRO A 520 -9.14 -15.67 -14.16
CA PRO A 520 -8.09 -16.36 -14.91
C PRO A 520 -7.48 -15.51 -16.02
N LEU A 521 -6.15 -15.56 -16.12
CA LEU A 521 -5.40 -14.90 -17.18
C LEU A 521 -4.84 -15.90 -18.17
N ALA A 522 -3.98 -15.42 -19.08
CA ALA A 522 -3.36 -16.29 -20.07
C ALA A 522 -2.27 -17.14 -19.41
N VAL A 523 -1.95 -16.81 -18.16
CA VAL A 523 -1.01 -17.60 -17.38
C VAL A 523 -1.66 -17.91 -16.04
N PRO A 524 -1.28 -19.04 -15.41
CA PRO A 524 -1.89 -19.36 -14.12
C PRO A 524 -1.51 -18.30 -13.09
N LEU A 525 -2.42 -18.02 -12.16
CA LEU A 525 -2.03 -17.26 -10.99
C LEU A 525 -1.71 -18.24 -9.88
N GLU A 526 -0.56 -18.05 -9.25
CA GLU A 526 -0.15 -18.91 -8.15
C GLU A 526 0.00 -18.08 -6.88
N VAL A 527 -0.48 -18.66 -5.78
CA VAL A 527 -0.46 -18.00 -4.50
C VAL A 527 0.31 -18.85 -3.51
N GLU A 528 1.28 -18.25 -2.83
CA GLU A 528 2.00 -18.97 -1.78
C GLU A 528 1.30 -18.70 -0.47
N VAL A 529 1.17 -19.74 0.35
CA VAL A 529 0.45 -19.59 1.60
C VAL A 529 1.24 -20.23 2.74
N GLY A 530 1.26 -19.53 3.88
CA GLY A 530 1.86 -20.06 5.09
C GLY A 530 0.93 -19.87 6.28
N ILE A 531 1.19 -20.63 7.34
CA ILE A 531 0.39 -20.57 8.56
C ILE A 531 1.35 -20.48 9.75
N GLY A 532 1.05 -19.60 10.70
CA GLY A 532 1.92 -19.45 11.86
C GLY A 532 1.33 -18.63 13.00
N GLU A 533 1.99 -18.70 14.15
CA GLU A 533 1.58 -17.94 15.32
C GLU A 533 1.91 -16.45 15.19
N ASP A 534 2.77 -16.10 14.25
CA ASP A 534 3.08 -14.69 13.99
C ASP A 534 3.33 -14.47 12.51
N TRP A 535 3.26 -13.20 12.09
CA TRP A 535 3.34 -12.82 10.69
C TRP A 535 4.62 -13.35 10.00
N LEU A 536 5.74 -13.29 10.70
CA LEU A 536 7.00 -13.78 10.13
C LEU A 536 6.94 -15.29 9.91
N SER A 537 6.50 -16.02 10.93
CA SER A 537 6.36 -17.46 10.85
C SER A 537 5.40 -17.86 9.73
N ALA A 538 4.34 -17.07 9.56
CA ALA A 538 3.32 -17.38 8.57
C ALA A 538 3.84 -17.21 7.15
N LYS A 539 4.88 -16.41 6.96
CA LYS A 539 5.39 -16.19 5.61
C LYS A 539 6.50 -17.17 5.26
N GLU A 540 6.96 -17.91 6.27
CA GLU A 540 7.99 -18.92 6.06
C GLU A 540 7.39 -20.33 6.09
N1 DOC B 12 6.50 -3.13 -2.24
C2 DOC B 12 6.60 -2.27 -3.30
N3 DOC B 12 7.79 -1.68 -3.57
C4 DOC B 12 8.89 -1.96 -2.81
C5 DOC B 12 8.78 -2.82 -1.76
C6 DOC B 12 7.57 -3.40 -1.48
O2 DOC B 12 5.62 -2.01 -3.98
N4 DOC B 12 10.13 -1.34 -3.12
C1' DOC B 12 5.23 -3.74 -1.93
C2' DOC B 12 5.05 -5.01 -2.71
C3' DOC B 12 5.20 -6.08 -1.72
C4' DOC B 12 4.74 -5.46 -0.47
O4' DOC B 12 5.09 -4.04 -0.58
C5' DOC B 12 5.43 -6.05 0.64
O5' DOC B 12 6.82 -6.15 0.57
P DOC B 12 7.64 -6.51 1.87
OP1 DOC B 12 6.97 -7.65 2.67
OP2 DOC B 12 9.10 -6.86 1.49
O2A 0L4 D . 5.23 -10.13 -3.51
PA 0L4 D . 6.20 -9.07 -4.02
O1A 0L4 D . 7.33 -8.68 -3.12
O3A 0L4 D . 6.83 -9.49 -5.45
PB 0L4 D . 6.32 -10.73 -6.34
O3B 0L4 D . 7.28 -11.93 -5.85
PG 0L4 D . 6.80 -13.13 -4.90
O2G 0L4 D . 5.45 -12.70 -4.35
O3T 0L4 D . 7.89 -13.22 -3.85
O1G 0L4 D . 6.77 -14.32 -5.83
O1B 0L4 D . 6.72 -10.40 -7.76
O2B 0L4 D . 4.86 -11.02 -6.04
O5' 0L4 D . 5.42 -7.73 -4.44
C5' 0L4 D . 4.31 -7.79 -5.32
C4' 0L4 D . 4.42 -6.78 -6.47
O4' 0L4 D . 4.88 -5.50 -6.03
C1' 0L4 D . 5.61 -4.87 -7.09
C2' 0L4 D . 5.81 -5.92 -8.18
C3' 0L4 D . 5.42 -7.23 -7.53
O3' 0L4 D . 4.84 -8.12 -8.48
N9 0L4 D . 6.99 -4.54 -6.63
C8 0L4 D . 7.61 -5.17 -5.60
C7 0L4 D . 8.86 -4.63 -5.50
C5 0L4 D . 9.07 -3.59 -6.51
C6 0L4 D . 10.12 -2.65 -6.96
N6 0L4 D . 11.31 -2.60 -6.32
N1 0L4 D . 9.82 -1.85 -8.00
C2 0L4 D . 8.61 -1.91 -8.62
N3 0L4 D . 7.62 -2.75 -8.26
C4 0L4 D . 7.78 -3.61 -7.22
C42 0L4 D . 9.78 -4.98 -4.59
C43 0L4 D . 10.61 -5.29 -3.82
C44 0L4 D . 11.65 -5.69 -2.86
C45 0L4 D . 11.00 -6.30 -1.62
C46 0L4 D . 9.79 -7.16 -1.99
N47 0L4 D . 9.26 -7.80 -0.80
MG MG E . 3.84 -9.67 -1.51
MG MG F . 3.75 -11.35 -4.31
C1 EDO G . -11.09 6.35 2.94
O1 EDO G . -11.27 5.07 2.33
C2 EDO G . -12.34 6.72 3.76
O2 EDO G . -12.61 5.72 4.74
C FMT H . -14.85 13.64 9.49
O1 FMT H . -13.91 13.01 9.00
O2 FMT H . -14.72 14.63 10.21
CL CL I . -3.95 7.58 20.08
C1 EDO J . 0.89 -5.60 -6.86
O1 EDO J . 1.96 -4.65 -6.96
C2 EDO J . -0.22 -5.00 -6.01
O2 EDO J . -0.66 -3.77 -6.60
C FMT K . 11.45 0.36 -21.64
O1 FMT K . 11.95 0.46 -20.53
O2 FMT K . 11.88 -0.39 -22.53
C1 EDO L . 15.88 18.89 6.26
O1 EDO L . 16.00 17.54 5.81
C2 EDO L . 17.24 19.58 6.16
O2 EDO L . 17.14 20.92 6.67
CL CL M . 10.86 -10.76 -0.51
MG MG N . 8.53 13.25 0.43
C1 EDO O . 9.73 6.45 -6.34
O1 EDO O . 9.41 5.27 -5.59
C2 EDO O . 8.71 6.64 -7.46
O2 EDO O . 7.41 6.91 -6.91
C FMT P . 12.43 2.84 -5.46
O1 FMT P . 12.19 3.41 -4.39
O2 FMT P . 12.36 3.39 -6.56
C FMT Q . 2.73 9.80 -8.33
O1 FMT Q . 1.98 10.03 -7.38
O2 FMT Q . 3.94 10.01 -8.33
#